data_1HP3
#
_entry.id   1HP3
#
_entity_poly.entity_id   1
_entity_poly.type   'polypeptide(L)'
_entity_poly.pdbx_seq_one_letter_code
;LLACLFGNGRCSSNRDCCELTPVCKRGSCVSS
;
_entity_poly.pdbx_strand_id   A
#
# COMPACT_ATOMS: atom_id res chain seq x y z
N LEU A 1 13.91 4.58 9.04
CA LEU A 1 12.98 5.03 7.96
C LEU A 1 12.62 3.84 7.08
N LEU A 2 11.45 3.30 7.24
CA LEU A 2 11.02 2.13 6.40
C LEU A 2 9.51 2.18 6.19
N ALA A 3 9.08 2.62 5.04
CA ALA A 3 7.62 2.69 4.75
C ALA A 3 7.28 1.71 3.62
N CYS A 4 7.46 0.44 3.86
CA CYS A 4 7.15 -0.57 2.81
C CYS A 4 7.36 -1.98 3.39
N LEU A 5 6.31 -2.59 3.85
CA LEU A 5 6.43 -3.95 4.42
C LEU A 5 5.49 -4.92 3.69
N PHE A 6 5.22 -4.65 2.43
CA PHE A 6 4.31 -5.54 1.66
C PHE A 6 5.00 -5.94 0.35
N GLY A 7 5.06 -5.05 -0.61
CA GLY A 7 5.71 -5.36 -1.90
C GLY A 7 4.71 -6.10 -2.80
N ASN A 8 3.44 -5.82 -2.66
CA ASN A 8 2.41 -6.49 -3.49
C ASN A 8 1.33 -5.48 -3.88
N GLY A 9 0.28 -5.93 -4.52
CA GLY A 9 -0.80 -5.00 -4.93
C GLY A 9 -2.09 -5.30 -4.15
N ARG A 10 -1.96 -5.93 -3.00
CA ARG A 10 -3.17 -6.24 -2.18
C ARG A 10 -2.98 -5.69 -0.77
N CYS A 11 -3.98 -5.07 -0.22
CA CYS A 11 -3.85 -4.49 1.15
C CYS A 11 -5.20 -4.48 1.88
N SER A 12 -5.20 -4.00 3.09
CA SER A 12 -6.46 -3.92 3.88
C SER A 12 -6.61 -2.49 4.45
N SER A 13 -5.77 -1.57 4.02
CA SER A 13 -5.85 -0.18 4.52
C SER A 13 -4.75 0.65 3.85
N ASN A 14 -4.84 1.95 3.91
CA ASN A 14 -3.80 2.81 3.26
C ASN A 14 -2.43 2.52 3.86
N ARG A 15 -2.34 2.38 5.15
CA ARG A 15 -1.01 2.10 5.80
C ARG A 15 -0.53 0.68 5.49
N ASP A 16 -1.38 -0.14 4.91
CA ASP A 16 -0.97 -1.54 4.58
C ASP A 16 -0.17 -1.56 3.25
N CYS A 17 0.00 -0.42 2.62
CA CYS A 17 0.75 -0.39 1.33
C CYS A 17 2.19 0.09 1.56
N CYS A 18 2.93 0.24 0.49
CA CYS A 18 4.35 0.69 0.62
C CYS A 18 4.44 2.20 0.36
N GLU A 19 5.63 2.73 0.35
CA GLU A 19 5.82 4.19 0.11
C GLU A 19 5.35 4.54 -1.31
N LEU A 20 5.78 3.77 -2.27
CA LEU A 20 5.38 4.03 -3.68
C LEU A 20 3.85 3.98 -3.82
N THR A 21 3.17 3.35 -2.89
CA THR A 21 1.69 3.27 -2.95
C THR A 21 1.11 3.68 -1.60
N PRO A 22 0.77 4.95 -1.45
CA PRO A 22 0.20 5.51 -0.18
C PRO A 22 -1.33 5.37 -0.14
N VAL A 23 -1.91 4.64 -1.06
CA VAL A 23 -3.39 4.48 -1.05
C VAL A 23 -3.76 3.00 -1.12
N CYS A 24 -4.87 2.65 -0.54
CA CYS A 24 -5.32 1.24 -0.56
C CYS A 24 -6.82 1.24 -0.87
N LYS A 25 -7.18 1.18 -2.13
CA LYS A 25 -8.62 1.17 -2.49
C LYS A 25 -8.99 -0.16 -3.12
N ARG A 26 -10.18 -0.60 -2.86
CA ARG A 26 -10.65 -1.91 -3.42
C ARG A 26 -9.71 -3.02 -2.96
N GLY A 27 -9.10 -2.86 -1.81
CA GLY A 27 -8.16 -3.90 -1.30
C GLY A 27 -6.98 -4.03 -2.25
N SER A 28 -6.59 -2.95 -2.87
CA SER A 28 -5.45 -2.99 -3.82
C SER A 28 -4.62 -1.72 -3.65
N CYS A 29 -3.34 -1.88 -3.47
CA CYS A 29 -2.44 -0.70 -3.27
C CYS A 29 -2.35 0.10 -4.58
N VAL A 30 -2.28 1.40 -4.46
CA VAL A 30 -2.17 2.26 -5.68
C VAL A 30 -1.40 3.53 -5.32
N SER A 31 -0.86 4.20 -6.30
CA SER A 31 -0.08 5.45 -6.04
C SER A 31 -1.02 6.66 -6.17
N SER A 32 -2.18 6.60 -5.57
CA SER A 32 -3.15 7.74 -5.65
C SER A 32 -3.51 7.99 -7.12
N LEU A 1 9.10 2.37 12.54
CA LEU A 1 9.06 1.33 11.48
C LEU A 1 9.51 1.94 10.14
N LEU A 2 9.42 1.19 9.08
CA LEU A 2 9.83 1.70 7.74
C LEU A 2 8.58 2.20 7.00
N ALA A 3 8.65 2.30 5.69
CA ALA A 3 7.48 2.77 4.91
C ALA A 3 7.20 1.79 3.76
N CYS A 4 7.37 0.50 4.01
CA CYS A 4 7.12 -0.51 2.95
C CYS A 4 7.32 -1.91 3.53
N LEU A 5 6.26 -2.54 3.96
CA LEU A 5 6.37 -3.90 4.55
C LEU A 5 5.46 -4.86 3.78
N PHE A 6 5.20 -4.57 2.53
CA PHE A 6 4.31 -5.47 1.73
C PHE A 6 5.00 -5.83 0.40
N GLY A 7 5.03 -4.92 -0.53
CA GLY A 7 5.69 -5.19 -1.84
C GLY A 7 4.71 -5.93 -2.76
N ASN A 8 3.43 -5.69 -2.59
CA ASN A 8 2.42 -6.37 -3.45
C ASN A 8 1.30 -5.38 -3.79
N GLY A 9 0.31 -5.83 -4.52
CA GLY A 9 -0.82 -4.92 -4.89
C GLY A 9 -2.08 -5.30 -4.10
N ARG A 10 -1.92 -5.96 -2.98
CA ARG A 10 -3.10 -6.35 -2.15
C ARG A 10 -2.94 -5.76 -0.75
N CYS A 11 -3.96 -5.12 -0.23
CA CYS A 11 -3.85 -4.51 1.13
C CYS A 11 -5.20 -4.49 1.83
N SER A 12 -5.21 -3.99 3.03
CA SER A 12 -6.48 -3.88 3.82
C SER A 12 -6.61 -2.46 4.39
N SER A 13 -5.76 -1.55 3.97
CA SER A 13 -5.81 -0.15 4.48
C SER A 13 -4.70 0.65 3.82
N ASN A 14 -4.76 1.96 3.89
CA ASN A 14 -3.71 2.81 3.25
C ASN A 14 -2.32 2.48 3.83
N ARG A 15 -2.23 2.30 5.13
CA ARG A 15 -0.91 1.99 5.75
C ARG A 15 -0.47 0.56 5.41
N ASP A 16 -1.34 -0.24 4.86
CA ASP A 16 -0.98 -1.64 4.51
C ASP A 16 -0.17 -1.66 3.19
N CYS A 17 0.02 -0.52 2.57
CA CYS A 17 0.78 -0.49 1.28
C CYS A 17 2.20 0.00 1.52
N CYS A 18 2.96 0.19 0.46
CA CYS A 18 4.37 0.66 0.61
C CYS A 18 4.45 2.16 0.31
N GLU A 19 5.65 2.69 0.31
CA GLU A 19 5.83 4.14 0.03
C GLU A 19 5.35 4.46 -1.38
N LEU A 20 5.78 3.69 -2.34
CA LEU A 20 5.37 3.92 -3.76
C LEU A 20 3.85 3.88 -3.89
N THR A 21 3.19 3.24 -2.96
CA THR A 21 1.70 3.17 -3.00
C THR A 21 1.14 3.58 -1.62
N PRO A 22 0.79 4.84 -1.48
CA PRO A 22 0.25 5.40 -0.20
C PRO A 22 -1.28 5.27 -0.14
N VAL A 23 -1.89 4.57 -1.06
CA VAL A 23 -3.37 4.43 -1.03
C VAL A 23 -3.75 2.95 -1.12
N CYS A 24 -4.87 2.61 -0.55
CA CYS A 24 -5.34 1.20 -0.59
C CYS A 24 -6.84 1.22 -0.89
N LYS A 25 -7.20 1.18 -2.14
CA LYS A 25 -8.65 1.20 -2.51
C LYS A 25 -9.04 -0.14 -3.11
N ARG A 26 -10.21 -0.59 -2.81
CA ARG A 26 -10.70 -1.89 -3.34
C ARG A 26 -9.74 -3.01 -2.90
N GLY A 27 -9.10 -2.84 -1.77
CA GLY A 27 -8.15 -3.87 -1.27
C GLY A 27 -6.98 -4.00 -2.26
N SER A 28 -6.61 -2.90 -2.88
CA SER A 28 -5.49 -2.94 -3.87
C SER A 28 -4.66 -1.68 -3.70
N CYS A 29 -3.38 -1.84 -3.51
CA CYS A 29 -2.48 -0.67 -3.32
C CYS A 29 -2.39 0.14 -4.62
N VAL A 30 -2.32 1.44 -4.50
CA VAL A 30 -2.22 2.31 -5.70
C VAL A 30 -1.45 3.58 -5.35
N SER A 31 -0.92 4.26 -6.34
CA SER A 31 -0.14 5.50 -6.08
C SER A 31 -1.07 6.72 -6.16
N SER A 32 -2.22 6.64 -5.54
CA SER A 32 -3.18 7.80 -5.58
C SER A 32 -3.53 8.14 -7.02
N LEU A 1 15.31 -1.04 2.70
CA LEU A 1 14.75 0.33 2.87
C LEU A 1 13.51 0.25 3.77
N LEU A 2 13.45 1.07 4.79
CA LEU A 2 12.26 1.04 5.69
C LEU A 2 11.15 1.92 5.11
N ALA A 3 10.36 1.37 4.24
CA ALA A 3 9.25 2.16 3.62
C ALA A 3 8.42 1.25 2.70
N CYS A 4 8.25 0.01 3.10
CA CYS A 4 7.46 -0.94 2.27
C CYS A 4 7.40 -2.29 3.00
N LEU A 5 6.33 -2.54 3.71
CA LEU A 5 6.21 -3.83 4.46
C LEU A 5 5.23 -4.75 3.75
N PHE A 6 5.08 -4.61 2.46
CA PHE A 6 4.14 -5.49 1.70
C PHE A 6 4.84 -6.03 0.45
N GLY A 7 5.06 -5.18 -0.53
CA GLY A 7 5.73 -5.63 -1.78
C GLY A 7 4.73 -6.35 -2.67
N ASN A 8 3.47 -5.97 -2.59
CA ASN A 8 2.43 -6.61 -3.44
C ASN A 8 1.37 -5.57 -3.82
N GLY A 9 0.31 -6.00 -4.47
CA GLY A 9 -0.76 -5.04 -4.87
C GLY A 9 -2.05 -5.34 -4.10
N ARG A 10 -1.95 -5.97 -2.95
CA ARG A 10 -3.17 -6.29 -2.15
C ARG A 10 -3.00 -5.71 -0.74
N CYS A 11 -4.01 -5.06 -0.22
CA CYS A 11 -3.90 -4.47 1.15
C CYS A 11 -5.26 -4.42 1.82
N SER A 12 -5.29 -3.91 3.02
CA SER A 12 -6.57 -3.78 3.77
C SER A 12 -6.69 -2.36 4.35
N SER A 13 -5.83 -1.46 3.95
CA SER A 13 -5.89 -0.06 4.47
C SER A 13 -4.75 0.75 3.82
N ASN A 14 -4.81 2.05 3.92
CA ASN A 14 -3.75 2.90 3.30
C ASN A 14 -2.39 2.58 3.91
N ARG A 15 -2.33 2.38 5.20
CA ARG A 15 -1.03 2.07 5.86
C ARG A 15 -0.55 0.66 5.50
N ASP A 16 -1.38 -0.13 4.88
CA ASP A 16 -0.97 -1.51 4.50
C ASP A 16 -0.16 -1.48 3.19
N CYS A 17 0.04 -0.32 2.62
CA CYS A 17 0.81 -0.25 1.34
C CYS A 17 2.21 0.33 1.59
N CYS A 18 3.03 0.35 0.57
CA CYS A 18 4.41 0.87 0.73
C CYS A 18 4.45 2.37 0.43
N GLU A 19 5.62 2.95 0.42
CA GLU A 19 5.74 4.41 0.14
C GLU A 19 5.26 4.69 -1.28
N LEU A 20 5.73 3.92 -2.23
CA LEU A 20 5.32 4.12 -3.66
C LEU A 20 3.80 4.05 -3.79
N THR A 21 3.16 3.41 -2.85
CA THR A 21 1.67 3.29 -2.90
C THR A 21 1.11 3.76 -1.54
N PRO A 22 0.70 5.01 -1.45
CA PRO A 22 0.15 5.61 -0.22
C PRO A 22 -1.37 5.46 -0.16
N VAL A 23 -1.95 4.67 -1.03
CA VAL A 23 -3.43 4.51 -1.01
C VAL A 23 -3.78 3.04 -1.11
N CYS A 24 -4.89 2.66 -0.55
CA CYS A 24 -5.33 1.24 -0.60
C CYS A 24 -6.82 1.24 -0.95
N LYS A 25 -7.13 1.18 -2.21
CA LYS A 25 -8.57 1.17 -2.63
C LYS A 25 -8.91 -0.16 -3.27
N ARG A 26 -10.12 -0.59 -3.07
CA ARG A 26 -10.57 -1.89 -3.64
C ARG A 26 -9.67 -3.02 -3.12
N GLY A 27 -9.09 -2.84 -1.96
CA GLY A 27 -8.19 -3.90 -1.39
C GLY A 27 -6.97 -4.04 -2.30
N SER A 28 -6.55 -2.97 -2.92
CA SER A 28 -5.37 -3.02 -3.82
C SER A 28 -4.54 -1.76 -3.63
N CYS A 29 -3.27 -1.93 -3.43
CA CYS A 29 -2.36 -0.75 -3.22
C CYS A 29 -2.26 0.05 -4.52
N VAL A 30 -2.18 1.35 -4.40
CA VAL A 30 -2.06 2.22 -5.61
C VAL A 30 -1.28 3.48 -5.24
N SER A 31 -0.77 4.18 -6.23
CA SER A 31 0.00 5.43 -5.95
C SER A 31 -0.92 6.65 -6.09
N SER A 32 -2.18 6.49 -5.75
CA SER A 32 -3.14 7.64 -5.84
C SER A 32 -4.53 7.18 -5.42
N LEU A 1 15.22 3.74 7.60
CA LEU A 1 13.78 4.04 7.73
C LEU A 1 12.96 2.88 7.15
N LEU A 2 11.71 2.78 7.51
CA LEU A 2 10.85 1.68 6.99
C LEU A 2 9.57 2.27 6.39
N ALA A 3 9.34 2.04 5.12
CA ALA A 3 8.11 2.57 4.47
C ALA A 3 7.65 1.60 3.37
N CYS A 4 7.71 0.33 3.65
CA CYS A 4 7.27 -0.68 2.64
C CYS A 4 7.40 -2.08 3.24
N LEU A 5 6.32 -2.60 3.76
CA LEU A 5 6.36 -3.96 4.37
C LEU A 5 5.40 -4.91 3.64
N PHE A 6 5.11 -4.64 2.39
CA PHE A 6 4.19 -5.51 1.62
C PHE A 6 4.89 -6.02 0.36
N GLY A 7 4.99 -5.17 -0.65
CA GLY A 7 5.67 -5.60 -1.91
C GLY A 7 4.62 -6.11 -2.92
N ASN A 8 3.45 -6.48 -2.45
CA ASN A 8 2.40 -6.99 -3.37
C ASN A 8 1.42 -5.86 -3.70
N GLY A 9 0.38 -6.16 -4.43
CA GLY A 9 -0.62 -5.11 -4.80
C GLY A 9 -1.93 -5.34 -4.04
N ARG A 10 -1.88 -6.03 -2.93
CA ARG A 10 -3.12 -6.29 -2.14
C ARG A 10 -2.95 -5.71 -0.73
N CYS A 11 -3.96 -5.07 -0.20
CA CYS A 11 -3.85 -4.46 1.15
C CYS A 11 -5.19 -4.44 1.86
N SER A 12 -5.21 -3.92 3.06
CA SER A 12 -6.48 -3.82 3.84
C SER A 12 -6.62 -2.39 4.38
N SER A 13 -5.76 -1.47 3.96
CA SER A 13 -5.85 -0.07 4.44
C SER A 13 -4.72 0.74 3.80
N ASN A 14 -4.78 2.04 3.89
CA ASN A 14 -3.71 2.88 3.27
C ASN A 14 -2.35 2.55 3.89
N ARG A 15 -2.30 2.35 5.18
CA ARG A 15 -1.01 2.03 5.86
C ARG A 15 -0.54 0.62 5.52
N ASP A 16 -1.38 -0.17 4.90
CA ASP A 16 -0.97 -1.56 4.53
C ASP A 16 -0.18 -1.55 3.21
N CYS A 17 0.03 -0.40 2.62
CA CYS A 17 0.76 -0.34 1.33
C CYS A 17 2.18 0.19 1.55
N CYS A 18 2.98 0.22 0.51
CA CYS A 18 4.38 0.69 0.64
C CYS A 18 4.43 2.21 0.40
N GLU A 19 5.61 2.77 0.42
CA GLU A 19 5.75 4.24 0.21
C GLU A 19 5.28 4.62 -1.20
N LEU A 20 5.74 3.91 -2.19
CA LEU A 20 5.33 4.21 -3.60
C LEU A 20 3.81 4.12 -3.74
N THR A 21 3.16 3.43 -2.84
CA THR A 21 1.67 3.31 -2.91
C THR A 21 1.08 3.74 -1.57
N PRO A 22 0.71 5.01 -1.45
CA PRO A 22 0.14 5.57 -0.20
C PRO A 22 -1.39 5.42 -0.15
N VAL A 23 -1.96 4.67 -1.07
CA VAL A 23 -3.44 4.49 -1.05
C VAL A 23 -3.79 3.01 -1.12
N CYS A 24 -4.92 2.65 -0.58
CA CYS A 24 -5.35 1.23 -0.60
C CYS A 24 -6.86 1.21 -0.92
N LYS A 25 -7.20 1.16 -2.18
CA LYS A 25 -8.64 1.14 -2.56
C LYS A 25 -9.00 -0.21 -3.16
N ARG A 26 -10.17 -0.67 -2.87
CA ARG A 26 -10.63 -1.99 -3.39
C ARG A 26 -9.66 -3.08 -2.95
N GLY A 27 -9.02 -2.90 -1.82
CA GLY A 27 -8.04 -3.92 -1.32
C GLY A 27 -6.88 -4.02 -2.30
N SER A 28 -6.52 -2.92 -2.91
CA SER A 28 -5.40 -2.93 -3.88
C SER A 28 -4.58 -1.65 -3.72
N CYS A 29 -3.31 -1.80 -3.48
CA CYS A 29 -2.44 -0.59 -3.28
C CYS A 29 -2.35 0.20 -4.58
N VAL A 30 -2.29 1.50 -4.48
CA VAL A 30 -2.19 2.36 -5.69
C VAL A 30 -1.43 3.64 -5.34
N SER A 31 -0.92 4.32 -6.33
CA SER A 31 -0.15 5.57 -6.09
C SER A 31 -1.10 6.78 -6.18
N SER A 32 -2.25 6.69 -5.55
CA SER A 32 -3.23 7.83 -5.60
C SER A 32 -3.65 8.07 -7.05
N LEU A 1 12.99 3.07 10.12
CA LEU A 1 12.76 3.37 8.67
C LEU A 1 12.09 2.16 8.01
N LEU A 2 10.78 2.10 8.05
CA LEU A 2 10.06 0.95 7.43
C LEU A 2 8.79 1.47 6.73
N ALA A 3 8.95 2.06 5.58
CA ALA A 3 7.77 2.60 4.84
C ALA A 3 7.41 1.65 3.69
N CYS A 4 7.50 0.37 3.93
CA CYS A 4 7.17 -0.63 2.87
C CYS A 4 7.30 -2.04 3.45
N LEU A 5 6.22 -2.61 3.89
CA LEU A 5 6.27 -3.99 4.47
C LEU A 5 5.33 -4.91 3.68
N PHE A 6 5.10 -4.61 2.43
CA PHE A 6 4.20 -5.47 1.61
C PHE A 6 4.94 -5.93 0.34
N GLY A 7 5.09 -5.05 -0.61
CA GLY A 7 5.81 -5.42 -1.87
C GLY A 7 4.83 -6.12 -2.82
N ASN A 8 3.57 -5.78 -2.75
CA ASN A 8 2.56 -6.42 -3.65
C ASN A 8 1.47 -5.41 -3.99
N GLY A 9 0.35 -5.87 -4.51
CA GLY A 9 -0.76 -4.93 -4.86
C GLY A 9 -2.02 -5.29 -4.07
N ARG A 10 -1.87 -5.94 -2.94
CA ARG A 10 -3.05 -6.31 -2.12
C ARG A 10 -2.90 -5.72 -0.72
N CYS A 11 -3.93 -5.08 -0.21
CA CYS A 11 -3.84 -4.47 1.16
C CYS A 11 -5.20 -4.45 1.84
N SER A 12 -5.24 -3.92 3.03
CA SER A 12 -6.52 -3.81 3.79
C SER A 12 -6.64 -2.41 4.39
N SER A 13 -5.80 -1.48 3.97
CA SER A 13 -5.86 -0.10 4.51
C SER A 13 -4.75 0.73 3.85
N ASN A 14 -4.81 2.03 3.95
CA ASN A 14 -3.78 2.89 3.32
C ASN A 14 -2.39 2.57 3.90
N ARG A 15 -2.31 2.39 5.19
CA ARG A 15 -0.98 2.08 5.82
C ARG A 15 -0.53 0.66 5.47
N ASP A 16 -1.38 -0.13 4.88
CA ASP A 16 -0.99 -1.53 4.51
C ASP A 16 -0.19 -1.51 3.20
N CYS A 17 0.00 -0.37 2.59
CA CYS A 17 0.75 -0.31 1.31
C CYS A 17 2.17 0.20 1.54
N CYS A 18 2.97 0.22 0.50
CA CYS A 18 4.38 0.69 0.63
C CYS A 18 4.45 2.19 0.33
N GLU A 19 5.63 2.74 0.27
CA GLU A 19 5.79 4.19 -0.04
C GLU A 19 5.31 4.46 -1.45
N LEU A 20 5.70 3.65 -2.38
CA LEU A 20 5.27 3.84 -3.80
C LEU A 20 3.74 3.80 -3.91
N THR A 21 3.09 3.24 -2.93
CA THR A 21 1.59 3.17 -2.96
C THR A 21 1.07 3.70 -1.61
N PRO A 22 0.69 4.96 -1.57
CA PRO A 22 0.17 5.62 -0.33
C PRO A 22 -1.36 5.45 -0.20
N VAL A 23 -1.97 4.68 -1.07
CA VAL A 23 -3.45 4.50 -0.98
C VAL A 23 -3.80 3.03 -1.11
N CYS A 24 -4.89 2.65 -0.50
CA CYS A 24 -5.35 1.23 -0.58
C CYS A 24 -6.83 1.23 -0.92
N LYS A 25 -7.16 1.20 -2.19
CA LYS A 25 -8.60 1.20 -2.59
C LYS A 25 -8.97 -0.14 -3.19
N ARG A 26 -10.16 -0.58 -2.93
CA ARG A 26 -10.64 -1.89 -3.46
C ARG A 26 -9.70 -3.01 -2.98
N GLY A 27 -9.09 -2.82 -1.82
CA GLY A 27 -8.15 -3.85 -1.29
C GLY A 27 -6.96 -3.99 -2.25
N SER A 28 -6.57 -2.92 -2.88
CA SER A 28 -5.43 -2.97 -3.83
C SER A 28 -4.60 -1.70 -3.66
N CYS A 29 -3.32 -1.87 -3.46
CA CYS A 29 -2.42 -0.69 -3.28
C CYS A 29 -2.33 0.12 -4.57
N VAL A 30 -2.21 1.41 -4.45
CA VAL A 30 -2.09 2.27 -5.66
C VAL A 30 -1.25 3.51 -5.30
N SER A 31 -0.75 4.20 -6.30
CA SER A 31 0.09 5.40 -6.04
C SER A 31 -0.79 6.67 -5.99
N SER A 32 -2.08 6.52 -5.80
CA SER A 32 -2.97 7.72 -5.74
C SER A 32 -4.41 7.25 -5.53
N LEU A 1 12.81 4.45 9.38
CA LEU A 1 11.33 4.39 9.19
C LEU A 1 11.00 3.41 8.08
N LEU A 2 10.37 2.31 8.40
CA LEU A 2 10.01 1.29 7.37
C LEU A 2 8.70 1.69 6.70
N ALA A 3 8.78 2.28 5.53
CA ALA A 3 7.54 2.71 4.82
C ALA A 3 7.24 1.73 3.68
N CYS A 4 7.41 0.46 3.92
CA CYS A 4 7.14 -0.56 2.86
C CYS A 4 7.34 -1.96 3.44
N LEU A 5 6.28 -2.59 3.88
CA LEU A 5 6.41 -3.96 4.46
C LEU A 5 5.49 -4.92 3.70
N PHE A 6 5.24 -4.65 2.45
CA PHE A 6 4.35 -5.55 1.65
C PHE A 6 5.07 -5.94 0.35
N GLY A 7 5.12 -5.06 -0.61
CA GLY A 7 5.79 -5.37 -1.89
C GLY A 7 4.81 -6.08 -2.83
N ASN A 8 3.54 -5.79 -2.69
CA ASN A 8 2.52 -6.44 -3.57
C ASN A 8 1.41 -5.43 -3.90
N GLY A 9 0.32 -5.89 -4.46
CA GLY A 9 -0.80 -4.97 -4.80
C GLY A 9 -2.05 -5.34 -4.01
N ARG A 10 -1.90 -6.01 -2.89
CA ARG A 10 -3.08 -6.40 -2.07
C ARG A 10 -2.94 -5.79 -0.68
N CYS A 11 -3.96 -5.12 -0.20
CA CYS A 11 -3.87 -4.48 1.15
C CYS A 11 -5.24 -4.42 1.82
N SER A 12 -5.28 -3.88 3.00
CA SER A 12 -6.56 -3.74 3.75
C SER A 12 -6.67 -2.31 4.31
N SER A 13 -5.79 -1.42 3.91
CA SER A 13 -5.84 -0.02 4.41
C SER A 13 -4.68 0.76 3.78
N ASN A 14 -4.71 2.07 3.88
CA ASN A 14 -3.62 2.89 3.28
C ASN A 14 -2.26 2.52 3.90
N ARG A 15 -2.22 2.30 5.19
CA ARG A 15 -0.93 1.95 5.85
C ARG A 15 -0.50 0.52 5.50
N ASP A 16 -1.37 -0.25 4.88
CA ASP A 16 -1.00 -1.64 4.51
C ASP A 16 -0.21 -1.65 3.19
N CYS A 17 0.02 -0.49 2.60
CA CYS A 17 0.77 -0.45 1.30
C CYS A 17 2.20 0.03 1.54
N CYS A 18 2.94 0.23 0.48
CA CYS A 18 4.35 0.68 0.62
C CYS A 18 4.44 2.18 0.35
N GLU A 19 5.65 2.72 0.34
CA GLU A 19 5.82 4.18 0.09
C GLU A 19 5.34 4.53 -1.32
N LEU A 20 5.76 3.77 -2.29
CA LEU A 20 5.34 4.03 -3.70
C LEU A 20 3.82 3.99 -3.83
N THR A 21 3.15 3.34 -2.90
CA THR A 21 1.67 3.26 -2.95
C THR A 21 1.10 3.67 -1.58
N PRO A 22 0.75 4.93 -1.44
CA PRO A 22 0.20 5.49 -0.16
C PRO A 22 -1.32 5.34 -0.11
N VAL A 23 -1.92 4.62 -1.03
CA VAL A 23 -3.40 4.46 -1.00
C VAL A 23 -3.76 2.97 -1.10
N CYS A 24 -4.90 2.62 -0.57
CA CYS A 24 -5.35 1.21 -0.62
C CYS A 24 -6.85 1.21 -0.94
N LYS A 25 -7.20 1.17 -2.19
CA LYS A 25 -8.64 1.17 -2.57
C LYS A 25 -9.02 -0.17 -3.17
N ARG A 26 -10.21 -0.60 -2.90
CA ARG A 26 -10.69 -1.91 -3.42
C ARG A 26 -9.75 -3.02 -2.94
N GLY A 27 -9.13 -2.83 -1.80
CA GLY A 27 -8.19 -3.87 -1.27
C GLY A 27 -7.01 -4.01 -2.23
N SER A 28 -6.62 -2.94 -2.87
CA SER A 28 -5.48 -2.99 -3.81
C SER A 28 -4.65 -1.73 -3.66
N CYS A 29 -3.37 -1.88 -3.45
CA CYS A 29 -2.48 -0.71 -3.27
C CYS A 29 -2.41 0.10 -4.57
N VAL A 30 -2.34 1.41 -4.44
CA VAL A 30 -2.26 2.27 -5.65
C VAL A 30 -1.48 3.55 -5.29
N SER A 31 -0.93 4.21 -6.28
CA SER A 31 -0.15 5.45 -6.03
C SER A 31 -1.07 6.67 -6.16
N SER A 32 -2.22 6.62 -5.55
CA SER A 32 -3.17 7.77 -5.63
C SER A 32 -3.56 8.02 -7.09
N LEU A 1 14.18 3.88 7.93
CA LEU A 1 13.97 3.90 6.46
C LEU A 1 13.09 2.72 6.05
N LEU A 2 12.09 2.41 6.85
CA LEU A 2 11.19 1.27 6.51
C LEU A 2 9.83 1.81 6.06
N ALA A 3 9.66 2.02 4.78
CA ALA A 3 8.36 2.54 4.26
C ALA A 3 7.82 1.58 3.20
N CYS A 4 7.85 0.30 3.47
CA CYS A 4 7.33 -0.70 2.49
C CYS A 4 7.45 -2.09 3.11
N LEU A 5 6.38 -2.59 3.66
CA LEU A 5 6.42 -3.94 4.30
C LEU A 5 5.44 -4.88 3.59
N PHE A 6 5.15 -4.64 2.34
CA PHE A 6 4.21 -5.52 1.60
C PHE A 6 4.91 -6.10 0.36
N GLY A 7 5.05 -5.31 -0.67
CA GLY A 7 5.70 -5.80 -1.92
C GLY A 7 4.65 -6.29 -2.91
N ASN A 8 3.47 -6.63 -2.44
CA ASN A 8 2.39 -7.11 -3.35
C ASN A 8 1.44 -5.96 -3.65
N GLY A 9 0.38 -6.23 -4.39
CA GLY A 9 -0.60 -5.16 -4.71
C GLY A 9 -1.91 -5.39 -3.95
N ARG A 10 -1.86 -6.10 -2.84
CA ARG A 10 -3.09 -6.35 -2.04
C ARG A 10 -2.93 -5.73 -0.66
N CYS A 11 -3.96 -5.08 -0.17
CA CYS A 11 -3.86 -4.44 1.19
C CYS A 11 -5.22 -4.39 1.86
N SER A 12 -5.24 -3.86 3.05
CA SER A 12 -6.52 -3.73 3.82
C SER A 12 -6.66 -2.29 4.34
N SER A 13 -5.79 -1.39 3.93
CA SER A 13 -5.87 0.02 4.41
C SER A 13 -4.72 0.81 3.78
N ASN A 14 -4.76 2.12 3.86
CA ASN A 14 -3.67 2.95 3.26
C ASN A 14 -2.32 2.60 3.90
N ARG A 15 -2.29 2.40 5.19
CA ARG A 15 -1.00 2.07 5.87
C ARG A 15 -0.55 0.64 5.54
N ASP A 16 -1.40 -0.14 4.92
CA ASP A 16 -1.01 -1.54 4.56
C ASP A 16 -0.22 -1.55 3.24
N CYS A 17 0.02 -0.40 2.65
CA CYS A 17 0.76 -0.37 1.36
C CYS A 17 2.19 0.13 1.57
N CYS A 18 2.94 0.27 0.51
CA CYS A 18 4.34 0.73 0.63
C CYS A 18 4.41 2.24 0.40
N GLU A 19 5.60 2.79 0.43
CA GLU A 19 5.76 4.26 0.22
C GLU A 19 5.29 4.65 -1.18
N LEU A 20 5.73 3.92 -2.17
CA LEU A 20 5.33 4.22 -3.58
C LEU A 20 3.81 4.14 -3.72
N THR A 21 3.14 3.46 -2.82
CA THR A 21 1.65 3.35 -2.89
C THR A 21 1.06 3.75 -1.54
N PRO A 22 0.69 5.00 -1.39
CA PRO A 22 0.10 5.53 -0.12
C PRO A 22 -1.42 5.38 -0.11
N VAL A 23 -1.99 4.67 -1.05
CA VAL A 23 -3.47 4.49 -1.08
C VAL A 23 -3.81 3.01 -1.15
N CYS A 24 -4.94 2.66 -0.60
CA CYS A 24 -5.38 1.23 -0.63
C CYS A 24 -6.87 1.21 -0.96
N LYS A 25 -7.20 1.15 -2.22
CA LYS A 25 -8.65 1.13 -2.61
C LYS A 25 -8.98 -0.21 -3.23
N ARG A 26 -10.16 -0.68 -2.97
CA ARG A 26 -10.60 -2.00 -3.52
C ARG A 26 -9.63 -3.10 -3.06
N GLY A 27 -9.02 -2.91 -1.91
CA GLY A 27 -8.06 -3.93 -1.39
C GLY A 27 -6.86 -4.02 -2.33
N SER A 28 -6.50 -2.93 -2.95
CA SER A 28 -5.35 -2.94 -3.89
C SER A 28 -4.55 -1.64 -3.70
N CYS A 29 -3.27 -1.78 -3.49
CA CYS A 29 -2.40 -0.58 -3.29
C CYS A 29 -2.29 0.22 -4.59
N VAL A 30 -2.27 1.52 -4.48
CA VAL A 30 -2.15 2.38 -5.68
C VAL A 30 -1.42 3.68 -5.31
N SER A 31 -0.92 4.39 -6.28
CA SER A 31 -0.21 5.68 -5.99
C SER A 31 -1.20 6.84 -6.07
N SER A 32 -2.34 6.71 -5.46
CA SER A 32 -3.37 7.80 -5.48
C SER A 32 -3.78 8.07 -6.93
N LEU A 1 14.90 3.71 7.89
CA LEU A 1 14.22 3.02 6.77
C LEU A 1 12.96 2.32 7.27
N LEU A 2 11.81 2.76 6.81
CA LEU A 2 10.53 2.13 7.26
C LEU A 2 9.36 2.76 6.49
N ALA A 3 9.06 2.24 5.33
CA ALA A 3 7.93 2.80 4.53
C ALA A 3 7.54 1.80 3.44
N CYS A 4 7.65 0.52 3.72
CA CYS A 4 7.27 -0.50 2.72
C CYS A 4 7.43 -1.89 3.34
N LEU A 5 6.36 -2.45 3.84
CA LEU A 5 6.44 -3.81 4.46
C LEU A 5 5.44 -4.75 3.78
N PHE A 6 5.17 -4.52 2.52
CA PHE A 6 4.21 -5.40 1.80
C PHE A 6 4.88 -5.99 0.56
N GLY A 7 5.03 -5.21 -0.48
CA GLY A 7 5.68 -5.71 -1.72
C GLY A 7 4.66 -6.43 -2.60
N ASN A 8 3.41 -6.00 -2.55
CA ASN A 8 2.36 -6.64 -3.37
C ASN A 8 1.28 -5.61 -3.73
N GLY A 9 0.32 -5.99 -4.52
CA GLY A 9 -0.77 -5.03 -4.89
C GLY A 9 -2.05 -5.34 -4.12
N ARG A 10 -1.93 -6.00 -2.99
CA ARG A 10 -3.14 -6.34 -2.19
C ARG A 10 -2.98 -5.76 -0.77
N CYS A 11 -3.98 -5.10 -0.26
CA CYS A 11 -3.86 -4.50 1.10
C CYS A 11 -5.22 -4.45 1.79
N SER A 12 -5.24 -3.93 2.98
CA SER A 12 -6.51 -3.80 3.75
C SER A 12 -6.63 -2.37 4.32
N SER A 13 -5.76 -1.47 3.91
CA SER A 13 -5.81 -0.08 4.42
C SER A 13 -4.66 0.72 3.78
N ASN A 14 -4.69 2.02 3.88
CA ASN A 14 -3.62 2.86 3.27
C ASN A 14 -2.26 2.49 3.88
N ARG A 15 -2.20 2.29 5.17
CA ARG A 15 -0.91 1.95 5.82
C ARG A 15 -0.47 0.53 5.47
N ASP A 16 -1.33 -0.24 4.86
CA ASP A 16 -0.95 -1.64 4.48
C ASP A 16 -0.15 -1.64 3.16
N CYS A 17 0.07 -0.48 2.58
CA CYS A 17 0.82 -0.43 1.28
C CYS A 17 2.24 0.07 1.51
N CYS A 18 2.99 0.26 0.46
CA CYS A 18 4.39 0.73 0.59
C CYS A 18 4.47 2.23 0.32
N GLU A 19 5.66 2.78 0.32
CA GLU A 19 5.82 4.24 0.05
C GLU A 19 5.34 4.58 -1.35
N LEU A 20 5.77 3.82 -2.32
CA LEU A 20 5.34 4.07 -3.73
C LEU A 20 3.82 4.03 -3.85
N THR A 21 3.16 3.37 -2.92
CA THR A 21 1.68 3.29 -2.96
C THR A 21 1.12 3.68 -1.59
N PRO A 22 0.76 4.94 -1.42
CA PRO A 22 0.23 5.48 -0.14
C PRO A 22 -1.31 5.33 -0.07
N VAL A 23 -1.90 4.61 -0.99
CA VAL A 23 -3.38 4.45 -0.97
C VAL A 23 -3.74 2.97 -1.07
N CYS A 24 -4.88 2.62 -0.55
CA CYS A 24 -5.35 1.21 -0.61
C CYS A 24 -6.83 1.22 -0.93
N LYS A 25 -7.17 1.17 -2.19
CA LYS A 25 -8.62 1.19 -2.57
C LYS A 25 -8.98 -0.15 -3.21
N ARG A 26 -10.18 -0.59 -2.96
CA ARG A 26 -10.65 -1.89 -3.54
C ARG A 26 -9.72 -3.01 -3.06
N GLY A 27 -9.11 -2.85 -1.90
CA GLY A 27 -8.19 -3.89 -1.37
C GLY A 27 -6.99 -4.02 -2.32
N SER A 28 -6.60 -2.95 -2.94
CA SER A 28 -5.44 -2.98 -3.86
C SER A 28 -4.62 -1.71 -3.69
N CYS A 29 -3.34 -1.88 -3.47
CA CYS A 29 -2.45 -0.69 -3.28
C CYS A 29 -2.39 0.14 -4.56
N VAL A 30 -2.33 1.44 -4.43
CA VAL A 30 -2.25 2.32 -5.63
C VAL A 30 -1.49 3.59 -5.26
N SER A 31 -0.99 4.28 -6.25
CA SER A 31 -0.24 5.55 -5.99
C SER A 31 -1.18 6.74 -6.07
N SER A 32 -2.32 6.65 -5.42
CA SER A 32 -3.31 7.77 -5.44
C SER A 32 -3.67 8.13 -6.89
N LEU A 1 11.02 2.22 12.31
CA LEU A 1 10.57 1.33 11.21
C LEU A 1 10.51 2.12 9.90
N LEU A 2 9.87 1.57 8.90
CA LEU A 2 9.77 2.28 7.59
C LEU A 2 8.31 2.25 7.12
N ALA A 3 8.08 2.57 5.88
CA ALA A 3 6.68 2.56 5.34
C ALA A 3 6.60 1.64 4.13
N CYS A 4 6.91 0.37 4.31
CA CYS A 4 6.84 -0.59 3.17
C CYS A 4 7.17 -1.99 3.69
N LEU A 5 6.16 -2.75 4.01
CA LEU A 5 6.40 -4.13 4.51
C LEU A 5 5.56 -5.11 3.69
N PHE A 6 5.29 -4.79 2.44
CA PHE A 6 4.47 -5.70 1.59
C PHE A 6 5.19 -5.92 0.25
N GLY A 7 5.12 -4.96 -0.64
CA GLY A 7 5.78 -5.10 -1.96
C GLY A 7 4.83 -5.81 -2.93
N ASN A 8 3.55 -5.65 -2.75
CA ASN A 8 2.57 -6.32 -3.65
C ASN A 8 1.45 -5.33 -4.02
N GLY A 9 0.34 -5.81 -4.50
CA GLY A 9 -0.78 -4.89 -4.88
C GLY A 9 -2.04 -5.24 -4.09
N ARG A 10 -1.89 -5.88 -2.95
CA ARG A 10 -3.09 -6.25 -2.14
C ARG A 10 -2.91 -5.68 -0.72
N CYS A 11 -3.94 -5.06 -0.18
CA CYS A 11 -3.82 -4.47 1.18
C CYS A 11 -5.17 -4.47 1.89
N SER A 12 -5.18 -3.97 3.09
CA SER A 12 -6.45 -3.88 3.88
C SER A 12 -6.59 -2.46 4.45
N SER A 13 -5.75 -1.54 4.04
CA SER A 13 -5.83 -0.14 4.54
C SER A 13 -4.74 0.68 3.86
N ASN A 14 -4.83 1.98 3.92
CA ASN A 14 -3.80 2.84 3.26
C ASN A 14 -2.41 2.55 3.82
N ARG A 15 -2.29 2.42 5.12
CA ARG A 15 -0.96 2.14 5.74
C ARG A 15 -0.50 0.71 5.44
N ASP A 16 -1.36 -0.11 4.92
CA ASP A 16 -0.97 -1.52 4.61
C ASP A 16 -0.18 -1.56 3.28
N CYS A 17 -0.01 -0.44 2.62
CA CYS A 17 0.74 -0.43 1.33
C CYS A 17 2.19 0.02 1.56
N CYS A 18 2.93 0.22 0.49
CA CYS A 18 4.35 0.64 0.62
C CYS A 18 4.47 2.13 0.32
N GLU A 19 5.69 2.64 0.28
CA GLU A 19 5.90 4.08 -0.01
C GLU A 19 5.42 4.41 -1.43
N LEU A 20 5.79 3.60 -2.38
CA LEU A 20 5.37 3.84 -3.79
C LEU A 20 3.84 3.82 -3.90
N THR A 21 3.17 3.24 -2.94
CA THR A 21 1.68 3.18 -2.99
C THR A 21 1.12 3.63 -1.63
N PRO A 22 0.77 4.90 -1.50
CA PRO A 22 0.23 5.47 -0.23
C PRO A 22 -1.30 5.34 -0.18
N VAL A 23 -1.91 4.63 -1.09
CA VAL A 23 -3.39 4.47 -1.06
C VAL A 23 -3.76 3.00 -1.13
N CYS A 24 -4.87 2.66 -0.54
CA CYS A 24 -5.33 1.25 -0.55
C CYS A 24 -6.83 1.25 -0.84
N LYS A 25 -7.20 1.18 -2.09
CA LYS A 25 -8.65 1.17 -2.44
C LYS A 25 -9.02 -0.15 -3.08
N ARG A 26 -10.20 -0.61 -2.82
CA ARG A 26 -10.66 -1.92 -3.38
C ARG A 26 -9.71 -3.04 -2.92
N GLY A 27 -9.10 -2.87 -1.77
CA GLY A 27 -8.15 -3.90 -1.27
C GLY A 27 -6.97 -4.02 -2.22
N SER A 28 -6.60 -2.93 -2.86
CA SER A 28 -5.46 -2.97 -3.82
C SER A 28 -4.64 -1.70 -3.66
N CYS A 29 -3.37 -1.85 -3.46
CA CYS A 29 -2.48 -0.65 -3.29
C CYS A 29 -2.40 0.13 -4.60
N VAL A 30 -2.33 1.44 -4.49
CA VAL A 30 -2.24 2.30 -5.71
C VAL A 30 -1.47 3.57 -5.37
N SER A 31 -0.94 4.22 -6.36
CA SER A 31 -0.16 5.49 -6.12
C SER A 31 -1.09 6.70 -6.23
N SER A 32 -2.24 6.63 -5.61
CA SER A 32 -3.21 7.77 -5.68
C SER A 32 -3.60 8.04 -7.14
N LEU A 1 13.65 0.44 6.11
CA LEU A 1 12.70 1.56 5.96
C LEU A 1 11.38 1.20 6.67
N LEU A 2 10.74 2.16 7.29
CA LEU A 2 9.46 1.89 8.01
C LEU A 2 8.30 2.42 7.18
N ALA A 3 8.34 2.25 5.88
CA ALA A 3 7.24 2.74 5.01
C ALA A 3 7.02 1.78 3.85
N CYS A 4 7.23 0.50 4.08
CA CYS A 4 7.03 -0.50 2.99
C CYS A 4 7.28 -1.90 3.56
N LEU A 5 6.23 -2.57 3.96
CA LEU A 5 6.37 -3.94 4.51
C LEU A 5 5.47 -4.90 3.74
N PHE A 6 5.20 -4.61 2.49
CA PHE A 6 4.31 -5.49 1.69
C PHE A 6 5.02 -5.87 0.37
N GLY A 7 5.04 -4.98 -0.58
CA GLY A 7 5.70 -5.28 -1.89
C GLY A 7 4.73 -6.02 -2.80
N ASN A 8 3.45 -5.77 -2.66
CA ASN A 8 2.44 -6.45 -3.52
C ASN A 8 1.37 -5.44 -3.94
N GLY A 9 0.29 -5.92 -4.52
CA GLY A 9 -0.80 -5.00 -4.95
C GLY A 9 -2.08 -5.30 -4.17
N ARG A 10 -1.97 -5.91 -3.02
CA ARG A 10 -3.18 -6.24 -2.20
C ARG A 10 -2.99 -5.68 -0.79
N CYS A 11 -3.99 -5.05 -0.24
CA CYS A 11 -3.86 -4.47 1.13
C CYS A 11 -5.22 -4.45 1.84
N SER A 12 -5.22 -3.94 3.04
CA SER A 12 -6.48 -3.84 3.82
C SER A 12 -6.62 -2.42 4.40
N SER A 13 -5.76 -1.50 3.99
CA SER A 13 -5.83 -0.11 4.50
C SER A 13 -4.72 0.71 3.84
N ASN A 14 -4.78 2.01 3.95
CA ASN A 14 -3.74 2.87 3.32
C ASN A 14 -2.36 2.54 3.88
N ARG A 15 -2.25 2.36 5.18
CA ARG A 15 -0.92 2.04 5.79
C ARG A 15 -0.49 0.61 5.44
N ASP A 16 -1.36 -0.18 4.87
CA ASP A 16 -0.99 -1.57 4.50
C ASP A 16 -0.19 -1.59 3.18
N CYS A 17 0.01 -0.44 2.57
CA CYS A 17 0.77 -0.40 1.29
C CYS A 17 2.20 0.06 1.52
N CYS A 18 2.95 0.25 0.46
CA CYS A 18 4.36 0.68 0.60
C CYS A 18 4.48 2.18 0.30
N GLU A 19 5.68 2.69 0.27
CA GLU A 19 5.89 4.15 -0.01
C GLU A 19 5.38 4.47 -1.41
N LEU A 20 5.80 3.69 -2.38
CA LEU A 20 5.36 3.94 -3.79
C LEU A 20 3.83 3.87 -3.88
N THR A 21 3.17 3.25 -2.94
CA THR A 21 1.69 3.16 -2.97
C THR A 21 1.15 3.65 -1.62
N PRO A 22 0.76 4.90 -1.53
CA PRO A 22 0.23 5.52 -0.29
C PRO A 22 -1.30 5.40 -0.20
N VAL A 23 -1.91 4.65 -1.09
CA VAL A 23 -3.39 4.49 -1.04
C VAL A 23 -3.76 3.02 -1.14
N CYS A 24 -4.85 2.67 -0.52
CA CYS A 24 -5.31 1.26 -0.56
C CYS A 24 -6.81 1.27 -0.89
N LYS A 25 -7.14 1.20 -2.15
CA LYS A 25 -8.58 1.23 -2.54
C LYS A 25 -8.95 -0.10 -3.16
N ARG A 26 -10.15 -0.54 -2.92
CA ARG A 26 -10.63 -1.85 -3.47
C ARG A 26 -9.69 -2.97 -2.99
N GLY A 27 -9.09 -2.81 -1.85
CA GLY A 27 -8.16 -3.85 -1.32
C GLY A 27 -6.97 -4.00 -2.28
N SER A 28 -6.58 -2.92 -2.91
CA SER A 28 -5.44 -2.97 -3.85
C SER A 28 -4.60 -1.72 -3.69
N CYS A 29 -3.32 -1.90 -3.50
CA CYS A 29 -2.42 -0.73 -3.31
C CYS A 29 -2.31 0.08 -4.61
N VAL A 30 -2.22 1.37 -4.49
CA VAL A 30 -2.10 2.24 -5.69
C VAL A 30 -1.30 3.50 -5.33
N SER A 31 -0.82 4.21 -6.32
CA SER A 31 -0.03 5.44 -6.05
C SER A 31 -0.92 6.67 -6.14
N SER A 32 -2.18 6.53 -5.79
CA SER A 32 -3.13 7.69 -5.84
C SER A 32 -4.52 7.24 -5.40
N LEU A 1 15.26 1.28 4.40
CA LEU A 1 14.29 2.35 4.75
C LEU A 1 12.98 1.72 5.23
N LEU A 2 12.44 2.22 6.31
CA LEU A 2 11.17 1.65 6.85
C LEU A 2 9.98 2.34 6.17
N ALA A 3 9.60 1.85 5.01
CA ALA A 3 8.44 2.45 4.28
C ALA A 3 7.88 1.44 3.29
N CYS A 4 7.81 0.20 3.67
CA CYS A 4 7.26 -0.86 2.77
C CYS A 4 7.28 -2.20 3.51
N LEU A 5 6.16 -2.58 4.06
CA LEU A 5 6.09 -3.86 4.82
C LEU A 5 5.66 -5.01 3.89
N PHE A 6 5.14 -4.72 2.73
CA PHE A 6 4.70 -5.81 1.80
C PHE A 6 5.37 -5.63 0.43
N GLY A 7 4.84 -4.76 -0.39
CA GLY A 7 5.44 -4.55 -1.75
C GLY A 7 4.60 -5.25 -2.80
N ASN A 8 3.31 -5.37 -2.56
CA ASN A 8 2.42 -6.05 -3.55
C ASN A 8 1.25 -5.12 -3.90
N GLY A 9 0.29 -5.61 -4.64
CA GLY A 9 -0.87 -4.76 -5.02
C GLY A 9 -2.11 -5.18 -4.21
N ARG A 10 -1.92 -5.81 -3.08
CA ARG A 10 -3.08 -6.24 -2.25
C ARG A 10 -2.91 -5.70 -0.82
N CYS A 11 -3.92 -5.08 -0.29
CA CYS A 11 -3.80 -4.50 1.09
C CYS A 11 -5.16 -4.51 1.80
N SER A 12 -5.18 -4.03 3.01
CA SER A 12 -6.44 -3.96 3.79
C SER A 12 -6.61 -2.53 4.35
N SER A 13 -5.76 -1.61 3.94
CA SER A 13 -5.86 -0.21 4.44
C SER A 13 -4.75 0.61 3.79
N ASN A 14 -4.84 1.91 3.84
CA ASN A 14 -3.80 2.77 3.20
C ASN A 14 -2.42 2.49 3.83
N ARG A 15 -2.37 2.33 5.13
CA ARG A 15 -1.06 2.07 5.80
C ARG A 15 -0.57 0.65 5.50
N ASP A 16 -1.39 -0.17 4.91
CA ASP A 16 -0.97 -1.57 4.57
C ASP A 16 -0.16 -1.58 3.27
N CYS A 17 0.02 -0.45 2.63
CA CYS A 17 0.78 -0.42 1.35
C CYS A 17 2.21 0.06 1.60
N CYS A 18 3.01 0.15 0.57
CA CYS A 18 4.41 0.58 0.71
C CYS A 18 4.54 2.08 0.40
N GLU A 19 5.75 2.57 0.36
CA GLU A 19 5.97 4.02 0.05
C GLU A 19 5.49 4.32 -1.36
N LEU A 20 5.88 3.51 -2.31
CA LEU A 20 5.47 3.72 -3.72
C LEU A 20 3.93 3.68 -3.84
N THR A 21 3.26 3.11 -2.87
CA THR A 21 1.78 3.05 -2.92
C THR A 21 1.23 3.57 -1.58
N PRO A 22 0.83 4.83 -1.54
CA PRO A 22 0.30 5.49 -0.31
C PRO A 22 -1.22 5.36 -0.23
N VAL A 23 -1.83 4.61 -1.12
CA VAL A 23 -3.32 4.46 -1.07
C VAL A 23 -3.69 2.98 -1.13
N CYS A 24 -4.83 2.64 -0.59
CA CYS A 24 -5.29 1.25 -0.61
C CYS A 24 -6.80 1.24 -0.89
N LYS A 25 -7.17 1.19 -2.14
CA LYS A 25 -8.61 1.19 -2.49
C LYS A 25 -9.02 -0.15 -3.09
N ARG A 26 -10.20 -0.57 -2.81
CA ARG A 26 -10.70 -1.88 -3.33
C ARG A 26 -9.77 -3.00 -2.87
N GLY A 27 -9.12 -2.82 -1.74
CA GLY A 27 -8.19 -3.86 -1.23
C GLY A 27 -7.01 -4.01 -2.19
N SER A 28 -6.63 -2.93 -2.83
CA SER A 28 -5.50 -2.99 -3.79
C SER A 28 -4.64 -1.72 -3.63
N CYS A 29 -3.37 -1.89 -3.43
CA CYS A 29 -2.48 -0.71 -3.27
C CYS A 29 -2.43 0.09 -4.57
N VAL A 30 -2.37 1.39 -4.47
CA VAL A 30 -2.31 2.24 -5.69
C VAL A 30 -1.54 3.53 -5.39
N SER A 31 -1.05 4.18 -6.40
CA SER A 31 -0.28 5.44 -6.20
C SER A 31 -1.22 6.64 -6.31
N SER A 32 -2.35 6.57 -5.63
CA SER A 32 -3.33 7.71 -5.69
C SER A 32 -3.80 7.91 -7.13
N LEU A 1 12.24 5.62 10.89
CA LEU A 1 11.59 4.35 10.47
C LEU A 1 11.43 4.32 8.95
N LEU A 2 10.79 3.31 8.44
CA LEU A 2 10.57 3.21 6.97
C LEU A 2 9.07 3.22 6.67
N ALA A 3 8.68 2.78 5.51
CA ALA A 3 7.24 2.75 5.15
C ALA A 3 7.02 1.79 3.97
N CYS A 4 7.20 0.52 4.20
CA CYS A 4 7.01 -0.48 3.11
C CYS A 4 7.21 -1.89 3.67
N LEU A 5 6.15 -2.53 4.06
CA LEU A 5 6.26 -3.91 4.62
C LEU A 5 5.34 -4.85 3.83
N PHE A 6 5.10 -4.55 2.57
CA PHE A 6 4.21 -5.41 1.74
C PHE A 6 4.93 -5.79 0.45
N GLY A 7 5.00 -4.87 -0.49
CA GLY A 7 5.68 -5.16 -1.78
C GLY A 7 4.71 -5.93 -2.70
N ASN A 8 3.44 -5.69 -2.57
CA ASN A 8 2.44 -6.40 -3.42
C ASN A 8 1.33 -5.43 -3.81
N GLY A 9 0.32 -5.90 -4.50
CA GLY A 9 -0.80 -5.00 -4.91
C GLY A 9 -2.07 -5.35 -4.13
N ARG A 10 -1.93 -5.99 -2.99
CA ARG A 10 -3.12 -6.35 -2.17
C ARG A 10 -2.96 -5.76 -0.77
N CYS A 11 -3.97 -5.09 -0.28
CA CYS A 11 -3.86 -4.48 1.09
C CYS A 11 -5.23 -4.41 1.76
N SER A 12 -5.25 -3.88 2.95
CA SER A 12 -6.52 -3.73 3.70
C SER A 12 -6.61 -2.30 4.28
N SER A 13 -5.74 -1.41 3.88
CA SER A 13 -5.77 -0.02 4.40
C SER A 13 -4.62 0.77 3.76
N ASN A 14 -4.62 2.07 3.90
CA ASN A 14 -3.53 2.90 3.30
C ASN A 14 -2.18 2.49 3.88
N ARG A 15 -2.12 2.24 5.18
CA ARG A 15 -0.82 1.86 5.80
C ARG A 15 -0.41 0.44 5.41
N ASP A 16 -1.31 -0.31 4.83
CA ASP A 16 -0.97 -1.70 4.42
C ASP A 16 -0.17 -1.68 3.10
N CYS A 17 0.04 -0.52 2.52
CA CYS A 17 0.80 -0.45 1.24
C CYS A 17 2.24 0.02 1.49
N CYS A 18 2.99 0.22 0.44
CA CYS A 18 4.39 0.67 0.59
C CYS A 18 4.51 2.17 0.26
N GLU A 19 5.71 2.68 0.20
CA GLU A 19 5.91 4.12 -0.11
C GLU A 19 5.41 4.42 -1.53
N LEU A 20 5.80 3.60 -2.46
CA LEU A 20 5.37 3.81 -3.88
C LEU A 20 3.84 3.81 -3.99
N THR A 21 3.17 3.25 -3.01
CA THR A 21 1.68 3.23 -3.05
C THR A 21 1.15 3.66 -1.67
N PRO A 22 0.78 4.92 -1.53
CA PRO A 22 0.26 5.48 -0.25
C PRO A 22 -1.26 5.35 -0.16
N VAL A 23 -1.88 4.65 -1.09
CA VAL A 23 -3.37 4.49 -1.02
C VAL A 23 -3.74 3.02 -1.15
N CYS A 24 -4.83 2.65 -0.57
CA CYS A 24 -5.29 1.24 -0.64
C CYS A 24 -6.78 1.25 -0.99
N LYS A 25 -7.10 1.21 -2.25
CA LYS A 25 -8.55 1.24 -2.66
C LYS A 25 -8.94 -0.12 -3.21
N ARG A 26 -10.14 -0.53 -2.91
CA ARG A 26 -10.65 -1.85 -3.39
C ARG A 26 -9.71 -2.96 -2.92
N GLY A 27 -9.06 -2.77 -1.80
CA GLY A 27 -8.11 -3.81 -1.29
C GLY A 27 -6.95 -3.97 -2.27
N SER A 28 -6.56 -2.89 -2.90
CA SER A 28 -5.44 -2.96 -3.88
C SER A 28 -4.58 -1.71 -3.72
N CYS A 29 -3.30 -1.90 -3.52
CA CYS A 29 -2.38 -0.74 -3.34
C CYS A 29 -2.30 0.07 -4.65
N VAL A 30 -2.26 1.37 -4.53
CA VAL A 30 -2.15 2.24 -5.73
C VAL A 30 -1.42 3.52 -5.37
N SER A 31 -0.92 4.24 -6.36
CA SER A 31 -0.19 5.50 -6.08
C SER A 31 -1.15 6.70 -6.16
N SER A 32 -2.33 6.56 -5.60
CA SER A 32 -3.31 7.67 -5.63
C SER A 32 -4.58 7.25 -4.89
N LEU A 1 12.59 2.84 9.27
CA LEU A 1 11.59 3.21 8.22
C LEU A 1 10.34 2.35 8.37
N LEU A 2 9.21 2.97 8.60
CA LEU A 2 7.94 2.21 8.76
C LEU A 2 6.92 2.70 7.73
N ALA A 3 7.03 2.26 6.51
CA ALA A 3 6.06 2.70 5.46
C ALA A 3 6.14 1.76 4.25
N CYS A 4 6.47 0.52 4.48
CA CYS A 4 6.56 -0.47 3.37
C CYS A 4 6.90 -1.84 3.92
N LEU A 5 5.90 -2.66 4.14
CA LEU A 5 6.15 -4.02 4.69
C LEU A 5 5.44 -5.04 3.80
N PHE A 6 5.22 -4.72 2.54
CA PHE A 6 4.54 -5.68 1.63
C PHE A 6 5.24 -5.68 0.26
N GLY A 7 5.00 -4.69 -0.55
CA GLY A 7 5.63 -4.65 -1.89
C GLY A 7 4.75 -5.37 -2.90
N ASN A 8 3.45 -5.39 -2.68
CA ASN A 8 2.53 -6.08 -3.62
C ASN A 8 1.37 -5.14 -3.99
N GLY A 9 0.31 -5.67 -4.56
CA GLY A 9 -0.84 -4.80 -4.94
C GLY A 9 -2.09 -5.22 -4.16
N ARG A 10 -1.92 -5.86 -3.02
CA ARG A 10 -3.09 -6.28 -2.20
C ARG A 10 -2.93 -5.74 -0.79
N CYS A 11 -3.94 -5.11 -0.25
CA CYS A 11 -3.83 -4.54 1.13
C CYS A 11 -5.19 -4.52 1.83
N SER A 12 -5.20 -4.04 3.04
CA SER A 12 -6.46 -3.94 3.83
C SER A 12 -6.59 -2.53 4.42
N SER A 13 -5.73 -1.61 4.03
CA SER A 13 -5.79 -0.23 4.56
C SER A 13 -4.68 0.60 3.89
N ASN A 14 -4.76 1.91 3.98
CA ASN A 14 -3.73 2.77 3.33
C ASN A 14 -2.34 2.44 3.90
N ARG A 15 -2.22 2.28 5.18
CA ARG A 15 -0.89 1.97 5.79
C ARG A 15 -0.43 0.55 5.44
N ASP A 16 -1.30 -0.25 4.88
CA ASP A 16 -0.91 -1.64 4.51
C ASP A 16 -0.13 -1.65 3.19
N CYS A 17 0.06 -0.49 2.57
CA CYS A 17 0.80 -0.45 1.28
C CYS A 17 2.24 0.02 1.50
N CYS A 18 2.97 0.24 0.44
CA CYS A 18 4.38 0.69 0.57
C CYS A 18 4.51 2.17 0.18
N GLU A 19 5.72 2.66 0.11
CA GLU A 19 5.94 4.09 -0.26
C GLU A 19 5.43 4.34 -1.67
N LEU A 20 5.80 3.50 -2.60
CA LEU A 20 5.35 3.67 -4.02
C LEU A 20 3.82 3.69 -4.09
N THR A 21 3.16 3.15 -3.09
CA THR A 21 1.67 3.14 -3.09
C THR A 21 1.17 3.59 -1.71
N PRO A 22 0.85 4.84 -1.56
CA PRO A 22 0.36 5.42 -0.27
C PRO A 22 -1.16 5.29 -0.15
N VAL A 23 -1.80 4.57 -1.04
CA VAL A 23 -3.29 4.43 -0.94
C VAL A 23 -3.68 2.96 -1.04
N CYS A 24 -4.79 2.62 -0.47
CA CYS A 24 -5.27 1.21 -0.50
C CYS A 24 -6.77 1.24 -0.79
N LYS A 25 -7.14 1.19 -2.05
CA LYS A 25 -8.59 1.22 -2.39
C LYS A 25 -8.98 -0.10 -3.04
N ARG A 26 -10.18 -0.53 -2.78
CA ARG A 26 -10.67 -1.82 -3.35
C ARG A 26 -9.75 -2.96 -2.90
N GLY A 27 -9.13 -2.81 -1.75
CA GLY A 27 -8.20 -3.87 -1.25
C GLY A 27 -7.03 -4.01 -2.21
N SER A 28 -6.63 -2.94 -2.84
CA SER A 28 -5.49 -2.99 -3.80
C SER A 28 -4.64 -1.72 -3.63
N CYS A 29 -3.37 -1.90 -3.44
CA CYS A 29 -2.46 -0.73 -3.26
C CYS A 29 -2.40 0.07 -4.56
N VAL A 30 -2.30 1.37 -4.44
CA VAL A 30 -2.23 2.24 -5.65
C VAL A 30 -1.43 3.50 -5.32
N SER A 31 -0.90 4.15 -6.33
CA SER A 31 -0.11 5.39 -6.11
C SER A 31 -1.01 6.61 -6.22
N SER A 32 -2.16 6.57 -5.57
CA SER A 32 -3.09 7.73 -5.63
C SER A 32 -3.52 7.97 -7.09
N LEU A 1 16.51 1.18 5.43
CA LEU A 1 15.50 1.22 4.33
C LEU A 1 14.15 0.71 4.86
N LEU A 2 13.29 1.62 5.25
CA LEU A 2 11.95 1.20 5.78
C LEU A 2 10.85 2.02 5.10
N ALA A 3 10.14 1.42 4.18
CA ALA A 3 9.05 2.17 3.48
C ALA A 3 8.24 1.19 2.62
N CYS A 4 8.09 -0.02 3.08
CA CYS A 4 7.31 -1.03 2.31
C CYS A 4 7.22 -2.33 3.12
N LEU A 5 6.16 -2.50 3.86
CA LEU A 5 5.99 -3.73 4.69
C LEU A 5 5.73 -4.95 3.79
N PHE A 6 5.16 -4.74 2.64
CA PHE A 6 4.87 -5.88 1.72
C PHE A 6 5.51 -5.63 0.35
N GLY A 7 4.88 -4.83 -0.48
CA GLY A 7 5.45 -4.55 -1.82
C GLY A 7 4.60 -5.24 -2.89
N ASN A 8 3.32 -5.39 -2.63
CA ASN A 8 2.42 -6.05 -3.63
C ASN A 8 1.27 -5.11 -3.97
N GLY A 9 0.25 -5.62 -4.61
CA GLY A 9 -0.93 -4.76 -4.97
C GLY A 9 -2.16 -5.20 -4.18
N ARG A 10 -1.97 -5.79 -3.03
CA ARG A 10 -3.13 -6.24 -2.21
C ARG A 10 -2.97 -5.72 -0.78
N CYS A 11 -3.99 -5.08 -0.24
CA CYS A 11 -3.88 -4.52 1.15
C CYS A 11 -5.24 -4.51 1.84
N SER A 12 -5.26 -4.03 3.05
CA SER A 12 -6.54 -3.94 3.81
C SER A 12 -6.69 -2.52 4.40
N SER A 13 -5.83 -1.61 4.01
CA SER A 13 -5.91 -0.21 4.54
C SER A 13 -4.80 0.62 3.89
N ASN A 14 -4.88 1.91 3.99
CA ASN A 14 -3.84 2.79 3.37
C ASN A 14 -2.46 2.48 3.96
N ARG A 15 -2.39 2.29 5.25
CA ARG A 15 -1.07 2.01 5.89
C ARG A 15 -0.58 0.60 5.54
N ASP A 16 -1.42 -0.20 4.94
CA ASP A 16 -0.99 -1.59 4.56
C ASP A 16 -0.19 -1.56 3.25
N CYS A 17 0.00 -0.40 2.66
CA CYS A 17 0.75 -0.33 1.37
C CYS A 17 2.18 0.19 1.63
N CYS A 18 2.98 0.21 0.60
CA CYS A 18 4.38 0.69 0.74
C CYS A 18 4.46 2.19 0.44
N GLU A 19 5.65 2.73 0.40
CA GLU A 19 5.82 4.19 0.12
C GLU A 19 5.34 4.49 -1.29
N LEU A 20 5.75 3.69 -2.24
CA LEU A 20 5.33 3.91 -3.65
C LEU A 20 3.80 3.86 -3.77
N THR A 21 3.14 3.28 -2.82
CA THR A 21 1.65 3.21 -2.86
C THR A 21 1.09 3.70 -1.52
N PRO A 22 0.71 4.96 -1.44
CA PRO A 22 0.17 5.57 -0.20
C PRO A 22 -1.35 5.42 -0.11
N VAL A 23 -1.96 4.66 -1.00
CA VAL A 23 -3.43 4.48 -0.94
C VAL A 23 -3.79 3.00 -1.05
N CYS A 24 -4.89 2.63 -0.47
CA CYS A 24 -5.34 1.22 -0.51
C CYS A 24 -6.83 1.22 -0.83
N LYS A 25 -7.18 1.14 -2.10
CA LYS A 25 -8.62 1.16 -2.48
C LYS A 25 -8.99 -0.18 -3.11
N ARG A 26 -10.19 -0.61 -2.89
CA ARG A 26 -10.67 -1.91 -3.45
C ARG A 26 -9.75 -3.03 -2.96
N GLY A 27 -9.17 -2.87 -1.79
CA GLY A 27 -8.25 -3.92 -1.25
C GLY A 27 -7.06 -4.07 -2.18
N SER A 28 -6.64 -2.99 -2.80
CA SER A 28 -5.47 -3.06 -3.73
C SER A 28 -4.64 -1.80 -3.56
N CYS A 29 -3.36 -1.96 -3.36
CA CYS A 29 -2.47 -0.80 -3.18
C CYS A 29 -2.40 0.01 -4.48
N VAL A 30 -2.28 1.31 -4.37
CA VAL A 30 -2.20 2.17 -5.58
C VAL A 30 -1.38 3.42 -5.25
N SER A 31 -0.76 4.01 -6.24
CA SER A 31 0.05 5.24 -6.02
C SER A 31 -0.79 6.48 -6.32
N SER A 32 -2.04 6.47 -5.92
CA SER A 32 -2.92 7.65 -6.18
C SER A 32 -3.04 7.89 -7.69
N LEU A 1 16.13 4.35 2.30
CA LEU A 1 14.67 4.62 2.51
C LEU A 1 14.09 3.57 3.46
N LEU A 2 12.89 3.80 3.94
CA LEU A 2 12.27 2.82 4.88
C LEU A 2 10.74 3.03 4.90
N ALA A 3 10.06 2.57 3.89
CA ALA A 3 8.58 2.73 3.84
C ALA A 3 7.98 1.70 2.88
N CYS A 4 7.96 0.45 3.28
CA CYS A 4 7.39 -0.61 2.41
C CYS A 4 7.45 -1.95 3.14
N LEU A 5 6.37 -2.34 3.76
CA LEU A 5 6.34 -3.63 4.51
C LEU A 5 5.34 -4.59 3.87
N PHE A 6 5.10 -4.46 2.59
CA PHE A 6 4.13 -5.37 1.91
C PHE A 6 4.82 -6.03 0.70
N GLY A 7 4.96 -5.30 -0.38
CA GLY A 7 5.61 -5.86 -1.60
C GLY A 7 4.57 -6.59 -2.45
N ASN A 8 3.34 -6.15 -2.39
CA ASN A 8 2.27 -6.79 -3.21
C ASN A 8 1.24 -5.75 -3.61
N GLY A 9 0.32 -6.12 -4.48
CA GLY A 9 -0.72 -5.14 -4.93
C GLY A 9 -2.03 -5.38 -4.17
N ARG A 10 -1.98 -6.04 -3.04
CA ARG A 10 -3.22 -6.30 -2.25
C ARG A 10 -3.04 -5.74 -0.83
N CYS A 11 -4.04 -5.07 -0.31
CA CYS A 11 -3.91 -4.49 1.05
C CYS A 11 -5.28 -4.43 1.74
N SER A 12 -5.29 -3.91 2.94
CA SER A 12 -6.56 -3.78 3.70
C SER A 12 -6.64 -2.37 4.32
N SER A 13 -5.78 -1.47 3.92
CA SER A 13 -5.80 -0.09 4.48
C SER A 13 -4.66 0.72 3.82
N ASN A 14 -4.69 2.02 3.98
CA ASN A 14 -3.62 2.87 3.36
C ASN A 14 -2.26 2.51 3.95
N ARG A 15 -2.19 2.24 5.23
CA ARG A 15 -0.88 1.88 5.87
C ARG A 15 -0.44 0.49 5.45
N ASP A 16 -1.29 -0.28 4.81
CA ASP A 16 -0.89 -1.64 4.37
C ASP A 16 -0.11 -1.57 3.05
N CYS A 17 0.10 -0.38 2.51
CA CYS A 17 0.84 -0.26 1.22
C CYS A 17 2.24 0.29 1.46
N CYS A 18 3.05 0.31 0.44
CA CYS A 18 4.44 0.82 0.56
C CYS A 18 4.47 2.32 0.27
N GLU A 19 5.64 2.90 0.22
CA GLU A 19 5.75 4.36 -0.06
C GLU A 19 5.23 4.66 -1.47
N LEU A 20 5.66 3.89 -2.43
CA LEU A 20 5.20 4.10 -3.84
C LEU A 20 3.67 4.01 -3.92
N THR A 21 3.05 3.37 -2.95
CA THR A 21 1.56 3.26 -2.94
C THR A 21 1.05 3.77 -1.59
N PRO A 22 0.64 5.03 -1.55
CA PRO A 22 0.14 5.68 -0.30
C PRO A 22 -1.38 5.50 -0.15
N VAL A 23 -1.99 4.71 -1.01
CA VAL A 23 -3.47 4.52 -0.90
C VAL A 23 -3.81 3.05 -1.06
N CYS A 24 -4.91 2.65 -0.48
CA CYS A 24 -5.35 1.23 -0.59
C CYS A 24 -6.83 1.24 -0.94
N LYS A 25 -7.14 1.19 -2.22
CA LYS A 25 -8.57 1.21 -2.64
C LYS A 25 -8.91 -0.11 -3.30
N ARG A 26 -10.12 -0.56 -3.11
CA ARG A 26 -10.57 -1.85 -3.71
C ARG A 26 -9.66 -2.98 -3.22
N GLY A 27 -9.10 -2.84 -2.04
CA GLY A 27 -8.19 -3.89 -1.50
C GLY A 27 -6.98 -4.02 -2.41
N SER A 28 -6.56 -2.94 -3.02
CA SER A 28 -5.38 -2.98 -3.93
C SER A 28 -4.56 -1.71 -3.71
N CYS A 29 -3.29 -1.88 -3.50
CA CYS A 29 -2.39 -0.69 -3.27
C CYS A 29 -2.29 0.13 -4.55
N VAL A 30 -2.20 1.43 -4.40
CA VAL A 30 -2.08 2.33 -5.59
C VAL A 30 -1.26 3.56 -5.21
N SER A 31 -0.74 4.26 -6.19
CA SER A 31 0.08 5.47 -5.90
C SER A 31 -0.82 6.68 -5.58
N SER A 32 -2.13 6.50 -5.58
CA SER A 32 -3.04 7.65 -5.28
C SER A 32 -4.49 7.15 -5.28
N LEU A 1 14.37 5.01 8.51
CA LEU A 1 12.88 5.03 8.43
C LEU A 1 12.39 3.83 7.62
N LEU A 2 11.17 3.41 7.85
CA LEU A 2 10.63 2.24 7.10
C LEU A 2 9.23 2.57 6.60
N ALA A 3 9.01 2.45 5.31
CA ALA A 3 7.65 2.75 4.75
C ALA A 3 7.33 1.76 3.63
N CYS A 4 7.46 0.48 3.90
CA CYS A 4 7.16 -0.55 2.87
C CYS A 4 7.33 -1.94 3.48
N LEU A 5 6.26 -2.52 3.93
CA LEU A 5 6.34 -3.89 4.54
C LEU A 5 5.37 -4.82 3.81
N PHE A 6 5.12 -4.57 2.55
CA PHE A 6 4.19 -5.46 1.78
C PHE A 6 4.89 -5.97 0.52
N GLY A 7 5.02 -5.15 -0.48
CA GLY A 7 5.69 -5.59 -1.74
C GLY A 7 4.68 -6.30 -2.63
N ASN A 8 3.43 -5.92 -2.57
CA ASN A 8 2.39 -6.56 -3.41
C ASN A 8 1.32 -5.53 -3.78
N GLY A 9 0.35 -5.92 -4.55
CA GLY A 9 -0.74 -4.97 -4.94
C GLY A 9 -2.02 -5.28 -4.16
N ARG A 10 -1.90 -5.93 -3.04
CA ARG A 10 -3.13 -6.26 -2.22
C ARG A 10 -2.95 -5.70 -0.82
N CYS A 11 -3.96 -5.05 -0.29
CA CYS A 11 -3.84 -4.47 1.09
C CYS A 11 -5.19 -4.45 1.78
N SER A 12 -5.21 -3.94 2.99
CA SER A 12 -6.48 -3.84 3.76
C SER A 12 -6.60 -2.41 4.35
N SER A 13 -5.75 -1.50 3.94
CA SER A 13 -5.81 -0.11 4.46
C SER A 13 -4.69 0.70 3.82
N ASN A 14 -4.74 2.01 3.93
CA ASN A 14 -3.69 2.86 3.30
C ASN A 14 -2.32 2.52 3.88
N ARG A 15 -2.23 2.33 5.17
CA ARG A 15 -0.92 2.01 5.80
C ARG A 15 -0.48 0.59 5.44
N ASP A 16 -1.34 -0.20 4.85
CA ASP A 16 -0.95 -1.59 4.47
C ASP A 16 -0.16 -1.58 3.15
N CYS A 17 0.05 -0.43 2.56
CA CYS A 17 0.80 -0.37 1.27
C CYS A 17 2.23 0.11 1.51
N CYS A 18 3.00 0.25 0.45
CA CYS A 18 4.40 0.70 0.60
C CYS A 18 4.50 2.19 0.30
N GLU A 19 5.70 2.72 0.25
CA GLU A 19 5.88 4.17 -0.04
C GLU A 19 5.39 4.48 -1.46
N LEU A 20 5.78 3.67 -2.40
CA LEU A 20 5.34 3.89 -3.82
C LEU A 20 3.81 3.86 -3.91
N THR A 21 3.15 3.28 -2.95
CA THR A 21 1.67 3.22 -2.96
C THR A 21 1.14 3.69 -1.60
N PRO A 22 0.73 4.94 -1.51
CA PRO A 22 0.21 5.54 -0.24
C PRO A 22 -1.32 5.40 -0.15
N VAL A 23 -1.92 4.67 -1.05
CA VAL A 23 -3.41 4.51 -1.01
C VAL A 23 -3.77 3.03 -1.11
N CYS A 24 -4.87 2.66 -0.54
CA CYS A 24 -5.32 1.25 -0.59
C CYS A 24 -6.81 1.25 -0.91
N LYS A 25 -7.15 1.20 -2.17
CA LYS A 25 -8.60 1.20 -2.55
C LYS A 25 -8.96 -0.13 -3.18
N ARG A 26 -10.15 -0.58 -2.91
CA ARG A 26 -10.63 -1.89 -3.47
C ARG A 26 -9.68 -3.00 -3.01
N GLY A 27 -9.06 -2.84 -1.86
CA GLY A 27 -8.12 -3.87 -1.36
C GLY A 27 -6.93 -4.00 -2.32
N SER A 28 -6.55 -2.90 -2.94
CA SER A 28 -5.41 -2.93 -3.89
C SER A 28 -4.58 -1.67 -3.71
N CYS A 29 -3.30 -1.83 -3.51
CA CYS A 29 -2.41 -0.66 -3.31
C CYS A 29 -2.32 0.16 -4.60
N VAL A 30 -2.23 1.46 -4.47
CA VAL A 30 -2.13 2.33 -5.68
C VAL A 30 -1.35 3.59 -5.31
N SER A 31 -0.87 4.31 -6.30
CA SER A 31 -0.10 5.56 -6.02
C SER A 31 -1.03 6.78 -6.12
N SER A 32 -2.28 6.62 -5.76
CA SER A 32 -3.25 7.75 -5.84
C SER A 32 -4.63 7.26 -5.40
N LEU A 1 13.05 5.65 3.48
CA LEU A 1 11.90 5.78 4.42
C LEU A 1 11.44 4.39 4.86
N LEU A 2 11.30 4.19 6.14
CA LEU A 2 10.86 2.85 6.65
C LEU A 2 9.32 2.74 6.49
N ALA A 3 8.86 2.79 5.27
CA ALA A 3 7.39 2.68 5.03
C ALA A 3 7.12 1.74 3.84
N CYS A 4 7.31 0.46 4.05
CA CYS A 4 7.09 -0.53 2.95
C CYS A 4 7.30 -1.94 3.49
N LEU A 5 6.25 -2.60 3.90
CA LEU A 5 6.39 -3.98 4.44
C LEU A 5 5.46 -4.92 3.66
N PHE A 6 5.21 -4.61 2.41
CA PHE A 6 4.31 -5.49 1.60
C PHE A 6 5.03 -5.88 0.30
N GLY A 7 5.08 -4.98 -0.65
CA GLY A 7 5.76 -5.29 -1.95
C GLY A 7 4.78 -6.00 -2.88
N ASN A 8 3.50 -5.73 -2.74
CA ASN A 8 2.49 -6.39 -3.62
C ASN A 8 1.39 -5.38 -3.97
N GLY A 9 0.29 -5.86 -4.52
CA GLY A 9 -0.81 -4.93 -4.90
C GLY A 9 -2.08 -5.28 -4.11
N ARG A 10 -1.94 -5.92 -2.98
CA ARG A 10 -3.14 -6.29 -2.16
C ARG A 10 -2.96 -5.73 -0.74
N CYS A 11 -3.98 -5.10 -0.21
CA CYS A 11 -3.86 -4.52 1.16
C CYS A 11 -5.21 -4.50 1.86
N SER A 12 -5.23 -4.00 3.06
CA SER A 12 -6.49 -3.90 3.85
C SER A 12 -6.62 -2.48 4.43
N SER A 13 -5.77 -1.57 4.02
CA SER A 13 -5.84 -0.18 4.54
C SER A 13 -4.73 0.65 3.88
N ASN A 14 -4.79 1.95 3.99
CA ASN A 14 -3.76 2.81 3.35
C ASN A 14 -2.37 2.49 3.93
N ARG A 15 -2.28 2.31 5.22
CA ARG A 15 -0.95 1.99 5.85
C ARG A 15 -0.50 0.57 5.49
N ASP A 16 -1.35 -0.22 4.91
CA ASP A 16 -0.97 -1.61 4.53
C ASP A 16 -0.19 -1.61 3.21
N CYS A 17 0.01 -0.46 2.61
CA CYS A 17 0.76 -0.41 1.32
C CYS A 17 2.19 0.08 1.55
N CYS A 18 2.95 0.25 0.48
CA CYS A 18 4.35 0.70 0.61
C CYS A 18 4.43 2.21 0.33
N GLU A 19 5.63 2.74 0.30
CA GLU A 19 5.80 4.19 0.03
C GLU A 19 5.32 4.52 -1.39
N LEU A 20 5.72 3.74 -2.34
CA LEU A 20 5.30 3.98 -3.75
C LEU A 20 3.77 3.95 -3.86
N THR A 21 3.10 3.34 -2.91
CA THR A 21 1.61 3.28 -2.95
C THR A 21 1.07 3.69 -1.58
N PRO A 22 0.72 4.95 -1.42
CA PRO A 22 0.18 5.50 -0.14
C PRO A 22 -1.34 5.35 -0.06
N VAL A 23 -1.95 4.63 -0.99
CA VAL A 23 -3.43 4.47 -0.94
C VAL A 23 -3.79 3.00 -1.05
N CYS A 24 -4.89 2.63 -0.47
CA CYS A 24 -5.35 1.22 -0.52
C CYS A 24 -6.85 1.22 -0.83
N LYS A 25 -7.19 1.17 -2.09
CA LYS A 25 -8.64 1.18 -2.46
C LYS A 25 -9.01 -0.16 -3.09
N ARG A 26 -10.21 -0.59 -2.85
CA ARG A 26 -10.68 -1.90 -3.41
C ARG A 26 -9.73 -3.01 -2.95
N GLY A 27 -9.14 -2.86 -1.79
CA GLY A 27 -8.19 -3.90 -1.27
C GLY A 27 -7.01 -4.03 -2.22
N SER A 28 -6.62 -2.95 -2.84
CA SER A 28 -5.48 -2.99 -3.80
C SER A 28 -4.65 -1.72 -3.63
N CYS A 29 -3.36 -1.88 -3.43
CA CYS A 29 -2.48 -0.71 -3.25
C CYS A 29 -2.40 0.11 -4.54
N VAL A 30 -2.31 1.40 -4.41
CA VAL A 30 -2.22 2.28 -5.62
C VAL A 30 -1.42 3.54 -5.27
N SER A 31 -0.81 4.15 -6.24
CA SER A 31 -0.01 5.39 -5.98
C SER A 31 -0.87 6.61 -6.27
N SER A 32 -2.10 6.61 -5.79
CA SER A 32 -3.00 7.77 -6.02
C SER A 32 -3.12 8.07 -7.51
N LEU A 1 12.10 4.47 0.61
CA LEU A 1 12.37 5.10 1.94
C LEU A 1 11.91 4.15 3.05
N LEU A 2 12.01 4.59 4.29
CA LEU A 2 11.58 3.73 5.43
C LEU A 2 10.06 3.64 5.46
N ALA A 3 9.47 2.89 4.56
CA ALA A 3 7.99 2.76 4.53
C ALA A 3 7.59 1.76 3.44
N CYS A 4 7.68 0.49 3.72
CA CYS A 4 7.31 -0.54 2.72
C CYS A 4 7.47 -1.93 3.34
N LEU A 5 6.40 -2.49 3.83
CA LEU A 5 6.48 -3.85 4.46
C LEU A 5 5.50 -4.79 3.76
N PHE A 6 5.20 -4.55 2.51
CA PHE A 6 4.25 -5.43 1.78
C PHE A 6 4.93 -5.97 0.51
N GLY A 7 5.05 -5.14 -0.51
CA GLY A 7 5.69 -5.60 -1.77
C GLY A 7 4.67 -6.33 -2.64
N ASN A 8 3.41 -5.98 -2.52
CA ASN A 8 2.36 -6.66 -3.33
C ASN A 8 1.30 -5.63 -3.74
N GLY A 9 0.29 -6.06 -4.45
CA GLY A 9 -0.78 -5.11 -4.88
C GLY A 9 -2.08 -5.39 -4.11
N ARG A 10 -1.98 -6.02 -2.96
CA ARG A 10 -3.20 -6.31 -2.16
C ARG A 10 -3.02 -5.74 -0.76
N CYS A 11 -4.03 -5.07 -0.24
CA CYS A 11 -3.91 -4.47 1.12
C CYS A 11 -5.27 -4.40 1.81
N SER A 12 -5.29 -3.89 3.01
CA SER A 12 -6.55 -3.74 3.78
C SER A 12 -6.65 -2.33 4.35
N SER A 13 -5.78 -1.43 3.94
CA SER A 13 -5.81 -0.04 4.46
C SER A 13 -4.67 0.75 3.81
N ASN A 14 -4.69 2.06 3.92
CA ASN A 14 -3.62 2.90 3.30
C ASN A 14 -2.25 2.53 3.88
N ARG A 15 -2.18 2.33 5.18
CA ARG A 15 -0.87 1.98 5.80
C ARG A 15 -0.44 0.55 5.45
N ASP A 16 -1.31 -0.22 4.85
CA ASP A 16 -0.95 -1.61 4.47
C ASP A 16 -0.15 -1.62 3.16
N CYS A 17 0.08 -0.47 2.57
CA CYS A 17 0.84 -0.42 1.28
C CYS A 17 2.26 0.09 1.52
N CYS A 18 3.02 0.23 0.47
CA CYS A 18 4.42 0.71 0.60
C CYS A 18 4.47 2.22 0.34
N GLU A 19 5.67 2.78 0.33
CA GLU A 19 5.81 4.24 0.07
C GLU A 19 5.32 4.57 -1.35
N LEU A 20 5.76 3.81 -2.31
CA LEU A 20 5.34 4.06 -3.72
C LEU A 20 3.81 4.00 -3.84
N THR A 21 3.15 3.35 -2.90
CA THR A 21 1.66 3.26 -2.94
C THR A 21 1.11 3.69 -1.58
N PRO A 22 0.76 4.95 -1.44
CA PRO A 22 0.22 5.51 -0.17
C PRO A 22 -1.31 5.38 -0.10
N VAL A 23 -1.91 4.65 -1.02
CA VAL A 23 -3.39 4.48 -0.99
C VAL A 23 -3.74 3.01 -1.09
N CYS A 24 -4.87 2.65 -0.54
CA CYS A 24 -5.32 1.24 -0.59
C CYS A 24 -6.81 1.26 -0.93
N LYS A 25 -7.12 1.17 -2.21
CA LYS A 25 -8.55 1.20 -2.62
C LYS A 25 -8.91 -0.11 -3.30
N ARG A 26 -10.12 -0.54 -3.10
CA ARG A 26 -10.58 -1.83 -3.71
C ARG A 26 -9.68 -2.97 -3.20
N GLY A 27 -9.13 -2.82 -2.02
CA GLY A 27 -8.24 -3.89 -1.45
C GLY A 27 -7.01 -4.04 -2.35
N SER A 28 -6.59 -2.97 -2.97
CA SER A 28 -5.40 -3.03 -3.86
C SER A 28 -4.58 -1.77 -3.67
N CYS A 29 -3.30 -1.93 -3.47
CA CYS A 29 -2.41 -0.76 -3.28
C CYS A 29 -2.33 0.07 -4.56
N VAL A 30 -2.29 1.37 -4.43
CA VAL A 30 -2.21 2.25 -5.64
C VAL A 30 -1.48 3.53 -5.28
N SER A 31 -1.04 4.27 -6.28
CA SER A 31 -0.31 5.54 -6.01
C SER A 31 -1.30 6.71 -5.99
N SER A 32 -2.39 6.56 -5.30
CA SER A 32 -3.41 7.65 -5.23
C SER A 32 -3.93 7.96 -6.64
N LEU A 1 12.84 5.12 10.05
CA LEU A 1 11.58 5.36 9.28
C LEU A 1 11.21 4.08 8.51
N LEU A 2 9.96 3.69 8.58
CA LEU A 2 9.51 2.46 7.86
C LEU A 2 8.19 2.73 7.16
N ALA A 3 8.16 2.62 5.86
CA ALA A 3 6.90 2.88 5.11
C ALA A 3 6.77 1.90 3.94
N CYS A 4 7.06 0.64 4.18
CA CYS A 4 6.95 -0.38 3.11
C CYS A 4 7.23 -1.77 3.68
N LEU A 5 6.20 -2.47 4.06
CA LEU A 5 6.39 -3.84 4.62
C LEU A 5 5.50 -4.81 3.84
N PHE A 6 5.22 -4.51 2.60
CA PHE A 6 4.35 -5.43 1.79
C PHE A 6 5.04 -5.74 0.45
N GLY A 7 4.99 -4.82 -0.49
CA GLY A 7 5.64 -5.06 -1.81
C GLY A 7 4.68 -5.82 -2.73
N ASN A 8 3.40 -5.60 -2.57
CA ASN A 8 2.40 -6.31 -3.42
C ASN A 8 1.28 -5.34 -3.80
N GLY A 9 0.29 -5.82 -4.53
CA GLY A 9 -0.84 -4.92 -4.92
C GLY A 9 -2.11 -5.30 -4.14
N ARG A 10 -1.96 -5.96 -3.03
CA ARG A 10 -3.15 -6.35 -2.21
C ARG A 10 -2.99 -5.79 -0.80
N CYS A 11 -4.01 -5.13 -0.28
CA CYS A 11 -3.89 -4.55 1.09
C CYS A 11 -5.25 -4.50 1.78
N SER A 12 -5.26 -4.01 2.99
CA SER A 12 -6.52 -3.87 3.76
C SER A 12 -6.62 -2.47 4.35
N SER A 13 -5.74 -1.56 3.96
CA SER A 13 -5.78 -0.17 4.49
C SER A 13 -4.64 0.62 3.84
N ASN A 14 -4.68 1.92 3.95
CA ASN A 14 -3.61 2.77 3.33
C ASN A 14 -2.24 2.40 3.91
N ARG A 15 -2.17 2.17 5.20
CA ARG A 15 -0.85 1.82 5.83
C ARG A 15 -0.42 0.40 5.44
N ASP A 16 -1.30 -0.37 4.86
CA ASP A 16 -0.93 -1.75 4.45
C ASP A 16 -0.14 -1.73 3.12
N CYS A 17 0.05 -0.57 2.54
CA CYS A 17 0.79 -0.49 1.24
C CYS A 17 2.23 -0.01 1.48
N CYS A 18 2.96 0.23 0.43
CA CYS A 18 4.36 0.68 0.56
C CYS A 18 4.46 2.17 0.23
N GLU A 19 5.67 2.69 0.18
CA GLU A 19 5.86 4.14 -0.14
C GLU A 19 5.37 4.43 -1.55
N LEU A 20 5.76 3.63 -2.50
CA LEU A 20 5.32 3.83 -3.91
C LEU A 20 3.79 3.84 -4.00
N THR A 21 3.13 3.24 -3.04
CA THR A 21 1.65 3.19 -3.06
C THR A 21 1.13 3.62 -1.67
N PRO A 22 0.80 4.88 -1.50
CA PRO A 22 0.30 5.44 -0.22
C PRO A 22 -1.23 5.31 -0.12
N VAL A 23 -1.86 4.60 -1.03
CA VAL A 23 -3.34 4.45 -0.97
C VAL A 23 -3.71 2.97 -1.07
N CYS A 24 -4.83 2.62 -0.50
CA CYS A 24 -5.30 1.22 -0.55
C CYS A 24 -6.80 1.23 -0.83
N LYS A 25 -7.17 1.19 -2.09
CA LYS A 25 -8.62 1.21 -2.44
C LYS A 25 -9.01 -0.10 -3.08
N ARG A 26 -10.21 -0.53 -2.82
CA ARG A 26 -10.70 -1.82 -3.38
C ARG A 26 -9.77 -2.96 -2.95
N GLY A 27 -9.13 -2.81 -1.81
CA GLY A 27 -8.20 -3.88 -1.31
C GLY A 27 -7.03 -4.01 -2.28
N SER A 28 -6.63 -2.92 -2.90
CA SER A 28 -5.50 -2.96 -3.85
C SER A 28 -4.66 -1.70 -3.68
N CYS A 29 -3.38 -1.89 -3.49
CA CYS A 29 -2.48 -0.71 -3.29
C CYS A 29 -2.41 0.11 -4.59
N VAL A 30 -2.31 1.40 -4.46
CA VAL A 30 -2.22 2.28 -5.66
C VAL A 30 -1.43 3.54 -5.31
N SER A 31 -0.89 4.21 -6.31
CA SER A 31 -0.09 5.43 -6.05
C SER A 31 -1.00 6.66 -6.14
N SER A 32 -2.15 6.61 -5.51
CA SER A 32 -3.09 7.77 -5.56
C SER A 32 -3.49 8.06 -7.00
N LEU A 1 12.30 4.80 10.89
CA LEU A 1 11.95 3.54 10.21
C LEU A 1 11.72 3.81 8.71
N LEU A 2 11.30 2.81 7.97
CA LEU A 2 11.05 3.00 6.52
C LEU A 2 9.54 3.03 6.27
N ALA A 3 9.11 2.78 5.06
CA ALA A 3 7.66 2.79 4.76
C ALA A 3 7.34 1.80 3.63
N CYS A 4 7.47 0.52 3.90
CA CYS A 4 7.19 -0.51 2.86
C CYS A 4 7.36 -1.90 3.47
N LEU A 5 6.29 -2.50 3.90
CA LEU A 5 6.38 -3.86 4.51
C LEU A 5 5.45 -4.82 3.77
N PHE A 6 5.20 -4.57 2.51
CA PHE A 6 4.30 -5.47 1.73
C PHE A 6 5.02 -5.94 0.45
N GLY A 7 5.05 -5.10 -0.56
CA GLY A 7 5.72 -5.50 -1.83
C GLY A 7 4.73 -6.22 -2.74
N ASN A 8 3.46 -5.89 -2.62
CA ASN A 8 2.43 -6.56 -3.48
C ASN A 8 1.34 -5.55 -3.84
N GLY A 9 0.30 -5.99 -4.50
CA GLY A 9 -0.80 -5.07 -4.89
C GLY A 9 -2.08 -5.39 -4.10
N ARG A 10 -1.95 -6.04 -2.97
CA ARG A 10 -3.15 -6.38 -2.16
C ARG A 10 -2.97 -5.79 -0.75
N CYS A 11 -3.98 -5.11 -0.25
CA CYS A 11 -3.87 -4.49 1.10
C CYS A 11 -5.23 -4.42 1.78
N SER A 12 -5.25 -3.88 2.97
CA SER A 12 -6.53 -3.73 3.72
C SER A 12 -6.64 -2.30 4.27
N SER A 13 -5.76 -1.42 3.87
CA SER A 13 -5.81 -0.01 4.36
C SER A 13 -4.66 0.77 3.71
N ASN A 14 -4.69 2.07 3.79
CA ASN A 14 -3.61 2.91 3.18
C ASN A 14 -2.25 2.54 3.79
N ARG A 15 -2.20 2.34 5.08
CA ARG A 15 -0.90 2.00 5.74
C ARG A 15 -0.49 0.56 5.41
N ASP A 16 -1.34 -0.21 4.81
CA ASP A 16 -0.99 -1.61 4.45
C ASP A 16 -0.19 -1.63 3.14
N CYS A 17 0.04 -0.49 2.54
CA CYS A 17 0.80 -0.45 1.25
C CYS A 17 2.24 0.03 1.50
N CYS A 18 2.99 0.25 0.45
CA CYS A 18 4.39 0.70 0.61
C CYS A 18 4.48 2.21 0.35
N GLU A 19 5.67 2.75 0.37
CA GLU A 19 5.85 4.21 0.13
C GLU A 19 5.38 4.55 -1.29
N LEU A 20 5.82 3.80 -2.25
CA LEU A 20 5.42 4.06 -3.66
C LEU A 20 3.90 4.01 -3.81
N THR A 21 3.23 3.36 -2.88
CA THR A 21 1.75 3.27 -2.96
C THR A 21 1.16 3.67 -1.59
N PRO A 22 0.80 4.93 -1.44
CA PRO A 22 0.24 5.47 -0.17
C PRO A 22 -1.29 5.33 -0.14
N VAL A 23 -1.87 4.59 -1.05
CA VAL A 23 -3.36 4.42 -1.05
C VAL A 23 -3.71 2.95 -1.14
N CYS A 24 -4.86 2.61 -0.64
CA CYS A 24 -5.33 1.20 -0.68
C CYS A 24 -6.83 1.21 -0.99
N LYS A 25 -7.17 1.16 -2.25
CA LYS A 25 -8.61 1.17 -2.62
C LYS A 25 -9.03 -0.18 -3.16
N ARG A 26 -10.22 -0.58 -2.82
CA ARG A 26 -10.74 -1.90 -3.29
C ARG A 26 -9.79 -3.03 -2.84
N GLY A 27 -9.09 -2.83 -1.76
CA GLY A 27 -8.14 -3.87 -1.27
C GLY A 27 -6.99 -4.02 -2.26
N SER A 28 -6.60 -2.94 -2.89
CA SER A 28 -5.50 -2.99 -3.88
C SER A 28 -4.64 -1.73 -3.73
N CYS A 29 -3.37 -1.92 -3.49
CA CYS A 29 -2.47 -0.75 -3.31
C CYS A 29 -2.40 0.08 -4.60
N VAL A 30 -2.33 1.38 -4.47
CA VAL A 30 -2.25 2.26 -5.66
C VAL A 30 -1.48 3.52 -5.29
N SER A 31 -1.02 4.26 -6.27
CA SER A 31 -0.25 5.50 -6.00
C SER A 31 -1.20 6.70 -5.98
N SER A 32 -2.32 6.58 -5.31
CA SER A 32 -3.30 7.71 -5.25
C SER A 32 -3.78 8.05 -6.66
#